data_7DOG
#
_entry.id   7DOG
#
_cell.length_a   73.906
_cell.length_b   89.465
_cell.length_c   116.575
_cell.angle_alpha   90.000
_cell.angle_beta   90.000
_cell.angle_gamma   90.000
#
_symmetry.space_group_name_H-M   'P 21 21 21'
#
loop_
_entity.id
_entity.type
_entity.pdbx_description
1 polymer 'Nuclease SbcCD subunit D'
2 non-polymer 'MANGANESE (II) ION'
#
_entity_poly.entity_id   1
_entity_poly.type   'polypeptide(L)'
_entity_poly.pdbx_seq_one_letter_code
;GAMAKIIHTADWHLGKILNGKQLLEDQAYILDMFVEKMKEEEPDIIVIAGDLYDTTYPSKDAIMLLEQAIGKLNLELRIP
IIMISGNHDGKERLNYGASWFEHNQLFIRTDFTSINSPIEINGVNFYTLPYATVSEMKHYFEDDTIETHQQGITRCIETI
APEIDEDAVNILISHLTVQGGKTSDSERPLTIGTVESVQKGVFDIFDYVMLGHLHHPFSIEDDKIKYSGSLLQYSFSEAG
QAKGYRRLTINDGIINDVFIPLKPLRQLEIISGEYNDVINEKVHVKNKDNYLHFKLKNMSHITDPMMSLKQIYPNTLALT
NET
;
_entity_poly.pdbx_strand_id   A,B
#
# COMPACT_ATOMS: atom_id res chain seq x y z
N MET A 3 34.24 5.83 -9.91
CA MET A 3 34.04 5.38 -11.28
C MET A 3 32.75 4.58 -11.41
N ALA A 4 31.61 5.23 -11.20
CA ALA A 4 30.31 4.57 -11.19
C ALA A 4 29.39 5.17 -12.24
N LYS A 5 28.36 4.39 -12.60
CA LYS A 5 27.34 4.79 -13.56
C LYS A 5 26.01 4.89 -12.84
N ILE A 6 25.40 6.07 -12.90
CA ILE A 6 24.17 6.35 -12.17
C ILE A 6 23.07 6.69 -13.18
N ILE A 7 21.92 6.03 -13.04
CA ILE A 7 20.77 6.27 -13.89
C ILE A 7 19.81 7.20 -13.16
N HIS A 8 19.36 8.25 -13.84
CA HIS A 8 18.56 9.31 -13.25
C HIS A 8 17.22 9.38 -13.98
N THR A 9 16.15 8.92 -13.32
CA THR A 9 14.80 9.07 -13.84
C THR A 9 13.92 9.73 -12.79
N ALA A 10 12.73 10.13 -13.22
CA ALA A 10 11.77 10.81 -12.34
C ALA A 10 10.44 10.90 -13.06
N ASP A 11 9.43 11.36 -12.33
CA ASP A 11 8.11 11.70 -12.88
C ASP A 11 7.51 10.53 -13.66
N TRP A 12 7.29 9.43 -12.94
CA TRP A 12 6.59 8.28 -13.54
C TRP A 12 5.09 8.52 -13.62
N HIS A 13 4.51 9.13 -12.57
CA HIS A 13 3.11 9.52 -12.54
C HIS A 13 2.19 8.34 -12.84
N LEU A 14 2.52 7.16 -12.29
CA LEU A 14 1.72 5.98 -12.50
C LEU A 14 0.27 6.20 -12.11
N GLY A 15 -0.63 5.54 -12.82
CA GLY A 15 -2.06 5.71 -12.60
C GLY A 15 -2.64 6.99 -13.14
N LYS A 16 -1.90 7.72 -13.98
CA LYS A 16 -2.39 8.99 -14.50
C LYS A 16 -3.47 8.76 -15.54
N ILE A 17 -4.44 9.68 -15.57
CA ILE A 17 -5.55 9.63 -16.51
C ILE A 17 -5.58 10.94 -17.29
N LEU A 18 -5.61 10.83 -18.61
CA LEU A 18 -5.59 11.99 -19.49
C LEU A 18 -6.89 12.04 -20.28
N ASN A 19 -7.75 13.01 -19.93
CA ASN A 19 -9.06 13.18 -20.57
C ASN A 19 -9.88 11.90 -20.49
N GLY A 20 -9.96 11.33 -19.29
CA GLY A 20 -10.73 10.13 -19.05
C GLY A 20 -10.09 8.83 -19.47
N LYS A 21 -8.91 8.88 -20.09
CA LYS A 21 -8.23 7.69 -20.59
C LYS A 21 -7.10 7.28 -19.66
N GLN A 22 -7.00 5.98 -19.37
CA GLN A 22 -5.94 5.46 -18.51
C GLN A 22 -4.69 5.21 -19.34
N LEU A 23 -3.55 5.65 -18.82
CA LEU A 23 -2.26 5.43 -19.46
C LEU A 23 -1.53 4.24 -18.87
N LEU A 24 -2.20 3.40 -18.08
CA LEU A 24 -1.53 2.26 -17.48
C LEU A 24 -1.09 1.25 -18.52
N GLU A 25 -1.90 1.06 -19.58
CA GLU A 25 -1.47 0.22 -20.68
C GLU A 25 -0.18 0.76 -21.29
N ASP A 26 -0.06 2.07 -21.42
CA ASP A 26 1.16 2.67 -21.96
C ASP A 26 2.31 2.60 -20.96
N GLN A 27 2.02 2.93 -19.69
CA GLN A 27 3.08 3.00 -18.69
C GLN A 27 3.72 1.63 -18.45
N ALA A 28 2.95 0.55 -18.59
CA ALA A 28 3.55 -0.77 -18.52
C ALA A 28 4.50 -1.02 -19.69
N TYR A 29 4.17 -0.48 -20.86
CA TYR A 29 5.03 -0.65 -22.03
C TYR A 29 6.34 0.12 -21.87
N ILE A 30 6.28 1.35 -21.34
CA ILE A 30 7.48 2.16 -21.21
C ILE A 30 8.37 1.62 -20.11
N LEU A 31 7.79 1.00 -19.08
CA LEU A 31 8.59 0.37 -18.04
C LEU A 31 9.25 -0.90 -18.55
N ASP A 32 8.56 -1.65 -19.43
CA ASP A 32 9.19 -2.78 -20.10
C ASP A 32 10.48 -2.35 -20.78
N MET A 33 10.41 -1.24 -21.54
CA MET A 33 11.62 -0.70 -22.16
C MET A 33 12.59 -0.16 -21.13
N PHE A 34 12.11 0.38 -20.01
CA PHE A 34 13.04 0.88 -19.00
C PHE A 34 13.85 -0.27 -18.41
N VAL A 35 13.17 -1.36 -18.03
CA VAL A 35 13.88 -2.51 -17.45
C VAL A 35 14.75 -3.18 -18.50
N GLU A 36 14.35 -3.13 -19.77
CA GLU A 36 15.11 -3.85 -20.80
C GLU A 36 16.47 -3.21 -21.03
N LYS A 37 16.52 -1.87 -21.06
CA LYS A 37 17.77 -1.18 -21.33
C LYS A 37 18.65 -1.04 -20.10
N MET A 38 18.05 -1.17 -18.91
CA MET A 38 18.84 -1.18 -17.68
C MET A 38 19.62 -2.49 -17.54
N LYS A 39 19.11 -3.57 -18.13
CA LYS A 39 19.90 -4.81 -18.20
C LYS A 39 21.18 -4.57 -18.97
N GLU A 40 21.10 -3.84 -20.09
CA GLU A 40 22.27 -3.63 -20.94
C GLU A 40 23.25 -2.66 -20.32
N GLU A 41 22.76 -1.70 -19.52
CA GLU A 41 23.65 -0.74 -18.87
C GLU A 41 24.35 -1.33 -17.65
N GLU A 42 23.62 -2.11 -16.85
CA GLU A 42 24.11 -2.62 -15.57
C GLU A 42 24.60 -1.46 -14.68
N PRO A 43 23.73 -0.50 -14.35
CA PRO A 43 24.18 0.66 -13.59
C PRO A 43 24.54 0.29 -12.16
N ASP A 44 25.30 1.18 -11.53
CA ASP A 44 25.65 1.01 -10.12
C ASP A 44 24.54 1.45 -9.19
N ILE A 45 23.63 2.30 -9.65
CA ILE A 45 22.48 2.74 -8.86
C ILE A 45 21.49 3.48 -9.75
N ILE A 46 20.22 3.44 -9.39
CA ILE A 46 19.15 4.18 -10.06
C ILE A 46 18.51 5.11 -9.05
N VAL A 47 18.29 6.36 -9.44
CA VAL A 47 17.56 7.31 -8.61
C VAL A 47 16.26 7.67 -9.32
N ILE A 48 15.18 7.72 -8.56
CA ILE A 48 13.87 8.11 -9.07
C ILE A 48 13.47 9.37 -8.31
N ALA A 49 13.62 10.53 -8.94
CA ALA A 49 13.55 11.80 -8.24
C ALA A 49 12.12 12.30 -8.07
N GLY A 50 11.22 11.46 -7.60
CA GLY A 50 9.92 11.89 -7.13
C GLY A 50 8.83 11.73 -8.19
N ASP A 51 7.60 11.98 -7.73
CA ASP A 51 6.40 11.96 -8.56
C ASP A 51 6.19 10.58 -9.19
N LEU A 52 6.21 9.55 -8.35
CA LEU A 52 6.05 8.19 -8.86
C LEU A 52 4.59 7.87 -9.14
N TYR A 53 3.69 8.25 -8.25
CA TYR A 53 2.26 8.12 -8.47
C TYR A 53 1.66 9.46 -8.84
N ASP A 54 0.60 9.42 -9.64
CA ASP A 54 -0.09 10.66 -10.00
C ASP A 54 -1.02 11.15 -8.89
N THR A 55 -1.45 10.26 -8.00
CA THR A 55 -2.37 10.61 -6.93
C THR A 55 -1.83 10.09 -5.60
N THR A 56 -2.50 10.51 -4.52
CA THR A 56 -2.25 9.94 -3.21
C THR A 56 -3.05 8.67 -2.97
N TYR A 57 -3.84 8.24 -3.96
CA TYR A 57 -4.70 7.05 -3.85
C TYR A 57 -4.53 6.23 -5.12
N PRO A 58 -3.41 5.53 -5.27
CA PRO A 58 -3.17 4.81 -6.52
C PRO A 58 -4.04 3.57 -6.63
N SER A 59 -4.38 3.24 -7.87
CA SER A 59 -5.24 2.09 -8.14
C SER A 59 -4.52 0.80 -7.81
N LYS A 60 -5.32 -0.26 -7.63
CA LYS A 60 -4.74 -1.59 -7.41
C LYS A 60 -3.79 -1.96 -8.54
N ASP A 61 -4.16 -1.63 -9.78
CA ASP A 61 -3.32 -1.95 -10.93
C ASP A 61 -2.06 -1.10 -10.96
N ALA A 62 -2.13 0.16 -10.51
CA ALA A 62 -0.96 1.02 -10.54
C ALA A 62 0.07 0.61 -9.49
N ILE A 63 -0.40 0.18 -8.31
CA ILE A 63 0.53 -0.28 -7.29
C ILE A 63 1.24 -1.55 -7.75
N MET A 64 0.49 -2.47 -8.37
CA MET A 64 1.11 -3.66 -8.96
C MET A 64 2.26 -3.28 -9.88
N LEU A 65 2.06 -2.25 -10.70
CA LEU A 65 3.06 -1.86 -11.68
C LEU A 65 4.35 -1.43 -11.01
N LEU A 66 4.25 -0.65 -9.92
CA LEU A 66 5.46 -0.20 -9.25
C LEU A 66 6.16 -1.34 -8.55
N GLU A 67 5.42 -2.18 -7.82
CA GLU A 67 6.04 -3.30 -7.13
C GLU A 67 6.75 -4.24 -8.09
N GLN A 68 6.20 -4.40 -9.30
CA GLN A 68 6.80 -5.31 -10.26
C GLN A 68 8.03 -4.70 -10.91
N ALA A 69 7.97 -3.42 -11.28
CA ALA A 69 9.11 -2.78 -11.92
C ALA A 69 10.27 -2.60 -10.94
N ILE A 70 9.97 -2.12 -9.73
CA ILE A 70 11.01 -1.98 -8.71
C ILE A 70 11.56 -3.34 -8.30
N GLY A 71 10.72 -4.38 -8.34
CA GLY A 71 11.19 -5.71 -8.00
C GLY A 71 12.20 -6.25 -8.99
N LYS A 72 11.95 -6.10 -10.29
CA LYS A 72 12.90 -6.56 -11.29
C LYS A 72 14.21 -5.81 -11.18
N LEU A 73 14.14 -4.49 -10.92
CA LEU A 73 15.35 -3.68 -10.92
C LEU A 73 16.22 -3.97 -9.70
N ASN A 74 15.60 -4.14 -8.53
CA ASN A 74 16.33 -4.24 -7.27
C ASN A 74 16.59 -5.68 -6.83
N LEU A 75 15.69 -6.61 -7.12
CA LEU A 75 15.83 -7.97 -6.61
C LEU A 75 16.53 -8.89 -7.59
N GLU A 76 16.12 -8.90 -8.86
CA GLU A 76 16.68 -9.83 -9.83
C GLU A 76 17.82 -9.21 -10.62
N LEU A 77 17.73 -7.93 -10.94
CA LEU A 77 18.87 -7.21 -11.52
C LEU A 77 19.84 -6.72 -10.46
N ARG A 78 19.39 -6.60 -9.21
CA ARG A 78 20.24 -6.27 -8.07
C ARG A 78 20.89 -4.89 -8.21
N ILE A 79 20.12 -3.93 -8.71
CA ILE A 79 20.55 -2.55 -8.80
C ILE A 79 20.06 -1.80 -7.57
N PRO A 80 20.93 -1.14 -6.82
CA PRO A 80 20.47 -0.29 -5.71
C PRO A 80 19.63 0.87 -6.24
N ILE A 81 18.67 1.31 -5.43
CA ILE A 81 17.71 2.32 -5.86
C ILE A 81 17.52 3.34 -4.75
N ILE A 82 17.50 4.62 -5.13
CA ILE A 82 17.11 5.71 -4.25
C ILE A 82 15.83 6.32 -4.78
N MET A 83 14.83 6.46 -3.91
CA MET A 83 13.49 6.86 -4.31
C MET A 83 12.99 7.93 -3.35
N ILE A 84 12.78 9.14 -3.85
CA ILE A 84 12.22 10.22 -3.06
C ILE A 84 10.78 10.47 -3.49
N SER A 85 10.05 11.23 -2.69
CA SER A 85 8.67 11.55 -2.96
C SER A 85 8.55 12.90 -3.66
N GLY A 86 7.43 13.11 -4.34
CA GLY A 86 7.16 14.36 -5.00
C GLY A 86 5.95 15.08 -4.44
N ASN A 87 5.36 15.99 -5.22
CA ASN A 87 4.16 16.69 -4.76
C ASN A 87 2.91 15.85 -4.96
N HIS A 88 2.85 15.09 -6.05
CA HIS A 88 1.70 14.20 -6.27
C HIS A 88 1.72 13.01 -5.31
N ASP A 89 2.91 12.59 -4.89
CA ASP A 89 3.07 11.32 -4.22
C ASP A 89 2.37 11.30 -2.87
N GLY A 90 1.79 10.14 -2.54
CA GLY A 90 1.34 9.87 -1.18
C GLY A 90 2.48 9.29 -0.37
N LYS A 91 3.02 10.07 0.57
CA LYS A 91 4.25 9.69 1.25
C LYS A 91 4.17 8.30 1.87
N GLU A 92 3.14 8.06 2.68
CA GLU A 92 3.05 6.80 3.42
C GLU A 92 2.71 5.62 2.51
N ARG A 93 1.91 5.84 1.47
CA ARG A 93 1.65 4.78 0.51
C ARG A 93 2.91 4.40 -0.25
N LEU A 94 3.78 5.37 -0.53
CA LEU A 94 5.04 5.10 -1.20
C LEU A 94 6.07 4.52 -0.23
N ASN A 95 6.07 5.01 1.02
CA ASN A 95 7.06 4.63 2.03
C ASN A 95 6.83 3.22 2.59
N TYR A 96 5.72 2.58 2.25
CA TYR A 96 5.33 1.35 2.92
C TYR A 96 6.40 0.27 2.79
N GLY A 97 6.74 -0.36 3.93
CA GLY A 97 7.67 -1.46 3.97
C GLY A 97 9.12 -1.08 3.79
N ALA A 98 9.46 0.20 3.85
CA ALA A 98 10.81 0.64 3.53
C ALA A 98 11.86 0.00 4.42
N SER A 99 11.51 -0.27 5.68
CA SER A 99 12.49 -0.80 6.63
C SER A 99 12.99 -2.18 6.21
N TRP A 100 12.15 -2.98 5.56
CA TRP A 100 12.60 -4.26 5.03
C TRP A 100 13.40 -4.09 3.74
N PHE A 101 13.10 -3.05 2.96
CA PHE A 101 13.75 -2.87 1.67
C PHE A 101 15.22 -2.47 1.82
N GLU A 102 15.55 -1.73 2.88
CA GLU A 102 16.91 -1.24 3.06
C GLU A 102 17.94 -2.37 3.15
N HIS A 103 17.51 -3.57 3.54
CA HIS A 103 18.44 -4.69 3.63
C HIS A 103 19.03 -5.05 2.27
N ASN A 104 18.21 -4.97 1.22
CA ASN A 104 18.67 -5.24 -0.14
C ASN A 104 18.95 -3.97 -0.93
N GLN A 105 19.23 -2.86 -0.23
CA GLN A 105 19.70 -1.62 -0.82
C GLN A 105 18.63 -0.97 -1.72
N LEU A 106 17.41 -0.88 -1.19
CA LEU A 106 16.33 -0.13 -1.82
C LEU A 106 15.86 0.93 -0.83
N PHE A 107 16.18 2.19 -1.10
CA PHE A 107 15.96 3.28 -0.16
C PHE A 107 14.80 4.14 -0.62
N ILE A 108 13.90 4.45 0.30
CA ILE A 108 12.76 5.32 0.04
C ILE A 108 12.78 6.46 1.05
N ARG A 109 12.62 7.69 0.57
CA ARG A 109 12.67 8.88 1.40
C ARG A 109 11.44 9.72 1.11
N THR A 110 10.64 9.99 2.14
CA THR A 110 9.48 10.86 2.03
C THR A 110 9.54 12.02 3.02
N ASP A 111 10.67 12.19 3.69
CA ASP A 111 10.82 13.20 4.75
C ASP A 111 11.98 14.11 4.38
N PHE A 112 11.69 15.41 4.20
CA PHE A 112 12.75 16.36 3.91
C PHE A 112 13.77 16.45 5.03
N THR A 113 13.46 15.92 6.21
CA THR A 113 14.43 15.84 7.30
C THR A 113 15.60 14.93 6.96
N SER A 114 15.38 13.93 6.10
CA SER A 114 16.39 12.92 5.78
C SER A 114 17.63 13.48 5.09
N ILE A 115 17.67 14.77 4.74
CA ILE A 115 18.82 15.31 4.03
C ILE A 115 20.07 15.25 4.90
N ASN A 116 19.92 15.34 6.22
CA ASN A 116 21.05 15.23 7.12
C ASN A 116 21.68 13.84 7.11
N SER A 117 20.96 12.84 6.59
CA SER A 117 21.41 11.46 6.54
C SER A 117 21.65 11.05 5.09
N PRO A 118 22.83 11.29 4.54
CA PRO A 118 23.10 10.90 3.16
C PRO A 118 23.35 9.40 3.02
N ILE A 119 22.97 8.88 1.87
CA ILE A 119 23.22 7.48 1.51
C ILE A 119 24.51 7.42 0.71
N GLU A 120 25.39 6.48 1.06
CA GLU A 120 26.67 6.33 0.38
C GLU A 120 26.68 5.03 -0.41
N ILE A 121 26.73 5.15 -1.73
CA ILE A 121 26.84 4.01 -2.63
C ILE A 121 28.03 4.25 -3.55
N ASN A 122 28.89 3.23 -3.69
CA ASN A 122 30.07 3.31 -4.56
C ASN A 122 30.96 4.49 -4.20
N GLY A 123 31.00 4.86 -2.91
CA GLY A 123 31.79 6.00 -2.50
C GLY A 123 31.22 7.35 -2.87
N VAL A 124 30.01 7.38 -3.43
CA VAL A 124 29.33 8.63 -3.76
C VAL A 124 28.26 8.88 -2.72
N ASN A 125 28.21 10.12 -2.22
CA ASN A 125 27.22 10.51 -1.21
C ASN A 125 26.02 11.13 -1.90
N PHE A 126 24.86 10.51 -1.70
CA PHE A 126 23.60 11.02 -2.23
C PHE A 126 22.82 11.69 -1.11
N TYR A 127 22.51 12.98 -1.28
CA TYR A 127 21.72 13.72 -0.31
C TYR A 127 20.29 13.80 -0.81
N THR A 128 19.37 13.18 -0.09
CA THR A 128 17.98 13.08 -0.49
C THR A 128 17.16 14.17 0.19
N LEU A 129 16.33 14.86 -0.59
CA LEU A 129 15.46 15.91 -0.08
C LEU A 129 14.10 15.78 -0.75
N PRO A 130 13.21 14.96 -0.20
CA PRO A 130 11.86 14.84 -0.75
C PRO A 130 11.11 16.17 -0.71
N TYR A 131 10.08 16.26 -1.55
CA TYR A 131 9.32 17.49 -1.64
C TYR A 131 8.60 17.79 -0.33
N ALA A 132 8.58 19.06 0.03
CA ALA A 132 7.82 19.53 1.18
C ALA A 132 7.21 20.89 0.83
N THR A 133 5.97 21.10 1.25
CA THR A 133 5.43 22.44 1.15
C THR A 133 6.11 23.36 2.18
N VAL A 134 5.88 24.67 2.04
CA VAL A 134 6.55 25.65 2.90
C VAL A 134 5.94 25.68 4.28
N SER A 135 4.65 25.33 4.38
CA SER A 135 4.05 25.16 5.70
C SER A 135 4.75 24.07 6.50
N GLU A 136 4.78 22.86 5.94
CA GLU A 136 5.42 21.76 6.65
C GLU A 136 6.93 21.95 6.75
N MET A 137 7.51 22.86 5.95
CA MET A 137 8.92 23.17 6.10
C MET A 137 9.13 24.21 7.20
N LYS A 138 8.32 25.28 7.20
CA LYS A 138 8.47 26.33 8.18
C LYS A 138 8.07 25.89 9.59
N HIS A 139 7.31 24.79 9.71
CA HIS A 139 6.87 24.34 11.03
C HIS A 139 7.86 23.39 11.69
N TYR A 140 8.65 22.65 10.92
CA TYR A 140 9.73 21.87 11.52
C TYR A 140 10.83 22.78 12.05
N PHE A 141 11.30 23.70 11.22
CA PHE A 141 12.31 24.66 11.63
C PHE A 141 11.78 25.71 12.61
N GLU A 142 10.45 25.82 12.73
CA GLU A 142 9.81 26.85 13.57
C GLU A 142 10.23 28.25 13.16
N ASP A 143 10.55 28.42 11.88
CA ASP A 143 10.92 29.71 11.30
C ASP A 143 9.69 30.28 10.61
N ASP A 144 9.24 31.45 11.07
CA ASP A 144 8.14 32.12 10.42
C ASP A 144 8.59 33.03 9.28
N THR A 145 9.89 33.25 9.14
CA THR A 145 10.44 33.97 8.00
C THR A 145 10.64 33.08 6.78
N ILE A 146 10.21 31.82 6.86
CA ILE A 146 10.21 30.92 5.72
C ILE A 146 8.84 31.07 5.05
N GLU A 147 8.82 31.76 3.91
CA GLU A 147 7.59 32.02 3.18
C GLU A 147 7.61 31.55 1.73
N THR A 148 8.78 31.48 1.11
CA THR A 148 8.92 30.99 -0.26
C THR A 148 9.62 29.64 -0.25
N HIS A 149 9.47 28.91 -1.36
CA HIS A 149 10.06 27.57 -1.44
C HIS A 149 11.57 27.62 -1.32
N GLN A 150 12.20 28.67 -1.84
CA GLN A 150 13.65 28.77 -1.76
C GLN A 150 14.11 28.96 -0.32
N GLN A 151 13.41 29.81 0.43
CA GLN A 151 13.82 30.06 1.82
C GLN A 151 13.84 28.78 2.63
N GLY A 152 12.82 27.92 2.46
CA GLY A 152 12.81 26.65 3.15
C GLY A 152 13.81 25.66 2.59
N ILE A 153 14.09 25.74 1.28
CA ILE A 153 15.04 24.83 0.67
C ILE A 153 16.47 25.18 1.07
N THR A 154 16.82 26.47 1.01
CA THR A 154 18.13 26.89 1.50
C THR A 154 18.31 26.54 2.97
N ARG A 155 17.26 26.77 3.78
CA ARG A 155 17.33 26.44 5.20
C ARG A 155 17.57 24.95 5.41
N CYS A 156 17.02 24.10 4.53
CA CYS A 156 17.29 22.67 4.64
C CYS A 156 18.75 22.33 4.40
N ILE A 157 19.42 23.09 3.52
CA ILE A 157 20.79 22.79 3.16
C ILE A 157 21.76 23.31 4.21
N GLU A 158 21.41 24.37 4.93
CA GLU A 158 22.25 24.83 6.04
C GLU A 158 22.25 23.85 7.20
N THR A 159 21.32 22.89 7.22
CA THR A 159 21.40 21.80 8.18
C THR A 159 22.59 20.90 7.88
N ILE A 160 22.85 20.64 6.60
CA ILE A 160 23.85 19.66 6.21
C ILE A 160 25.17 20.30 5.75
N ALA A 161 25.18 21.61 5.47
CA ALA A 161 26.38 22.24 4.95
C ALA A 161 27.63 22.08 5.81
N PRO A 162 27.56 22.14 7.16
CA PRO A 162 28.80 22.02 7.94
C PRO A 162 29.36 20.62 8.05
N GLU A 163 28.51 19.59 8.00
CA GLU A 163 29.00 18.21 8.09
C GLU A 163 29.23 17.57 6.72
N ILE A 164 29.03 18.31 5.63
CA ILE A 164 29.27 17.74 4.31
C ILE A 164 30.76 17.51 4.10
N ASP A 165 31.08 16.51 3.29
CA ASP A 165 32.46 16.17 2.97
C ASP A 165 32.80 16.75 1.60
N GLU A 166 33.76 17.68 1.57
CA GLU A 166 34.17 18.31 0.32
C GLU A 166 35.10 17.44 -0.50
N ASP A 167 35.69 16.40 0.08
CA ASP A 167 36.64 15.56 -0.63
C ASP A 167 36.00 14.42 -1.39
N ALA A 168 34.68 14.25 -1.30
CA ALA A 168 33.95 13.21 -2.01
C ALA A 168 33.00 13.84 -3.01
N VAL A 169 32.22 13.00 -3.67
CA VAL A 169 31.24 13.43 -4.67
C VAL A 169 29.87 13.45 -4.01
N ASN A 170 29.35 14.65 -3.76
CA ASN A 170 28.07 14.84 -3.09
C ASN A 170 27.01 15.19 -4.13
N ILE A 171 25.96 14.37 -4.21
CA ILE A 171 24.90 14.55 -5.19
C ILE A 171 23.59 14.72 -4.45
N LEU A 172 22.84 15.78 -4.79
CA LEU A 172 21.56 16.06 -4.18
C LEU A 172 20.44 15.55 -5.08
N ILE A 173 19.55 14.76 -4.50
CA ILE A 173 18.34 14.30 -5.17
C ILE A 173 17.17 15.05 -4.54
N SER A 174 16.40 15.77 -5.35
CA SER A 174 15.29 16.54 -4.83
C SER A 174 14.20 16.62 -5.90
N HIS A 175 13.13 17.33 -5.55
CA HIS A 175 11.95 17.48 -6.42
C HIS A 175 11.45 18.91 -6.26
N LEU A 176 11.87 19.79 -7.16
CA LEU A 176 11.56 21.21 -7.03
C LEU A 176 11.63 21.85 -8.41
N THR A 177 11.31 23.14 -8.45
CA THR A 177 11.31 23.93 -9.68
C THR A 177 12.52 24.86 -9.67
N VAL A 178 13.36 24.75 -10.68
CA VAL A 178 14.51 25.64 -10.84
C VAL A 178 14.10 26.84 -11.68
N GLN A 179 14.59 28.01 -11.28
CA GLN A 179 14.29 29.24 -12.00
C GLN A 179 14.79 29.17 -13.43
N GLY A 180 13.91 29.48 -14.38
CA GLY A 180 14.28 29.49 -15.79
C GLY A 180 14.00 28.23 -16.56
N GLY A 181 13.30 27.27 -15.96
CA GLY A 181 12.99 26.03 -16.64
C GLY A 181 11.63 26.08 -17.33
N LYS A 182 11.54 25.46 -18.50
CA LYS A 182 10.29 25.46 -19.25
C LYS A 182 9.27 24.57 -18.56
N THR A 183 8.00 24.91 -18.75
CA THR A 183 6.89 24.29 -18.03
C THR A 183 5.91 23.67 -19.00
N SER A 184 5.43 22.49 -18.65
CA SER A 184 4.35 21.82 -19.36
C SER A 184 3.09 21.84 -18.51
N ASP A 185 1.99 21.38 -19.10
CA ASP A 185 0.69 21.41 -18.44
C ASP A 185 0.36 20.10 -17.74
N SER A 186 1.35 19.21 -17.57
CA SER A 186 1.18 18.02 -16.76
C SER A 186 1.66 18.24 -15.33
N GLU A 187 2.16 19.43 -15.01
CA GLU A 187 2.69 19.74 -13.70
C GLU A 187 1.67 20.57 -12.92
N ARG A 188 1.48 20.20 -11.61
CA ARG A 188 0.64 21.13 -10.86
C ARG A 188 1.49 22.22 -10.24
N PRO A 189 0.93 23.41 -10.03
CA PRO A 189 1.68 24.47 -9.33
C PRO A 189 1.96 24.07 -7.89
N LEU A 190 3.18 24.38 -7.45
CA LEU A 190 3.59 24.12 -6.08
C LEU A 190 3.18 25.21 -5.10
N THR A 191 2.74 26.36 -5.59
CA THR A 191 2.57 27.55 -4.77
C THR A 191 1.16 28.10 -4.91
N ILE A 192 0.89 29.17 -4.16
CA ILE A 192 -0.39 29.86 -4.17
C ILE A 192 -0.23 31.18 -4.92
N GLY A 193 0.33 32.18 -4.25
CA GLY A 193 0.62 33.46 -4.86
C GLY A 193 2.06 33.87 -4.66
N THR A 194 2.83 32.99 -4.03
CA THR A 194 4.28 33.18 -3.88
C THR A 194 4.97 32.69 -5.15
N VAL A 195 6.29 32.68 -5.15
CA VAL A 195 7.08 32.12 -6.24
C VAL A 195 7.64 30.78 -5.78
N GLU A 196 7.53 29.77 -6.65
CA GLU A 196 7.89 28.40 -6.30
C GLU A 196 9.29 28.02 -6.74
N SER A 197 10.01 28.91 -7.42
CA SER A 197 11.27 28.56 -8.04
C SER A 197 12.45 28.82 -7.12
N VAL A 198 13.43 27.93 -7.18
CA VAL A 198 14.65 28.02 -6.40
C VAL A 198 15.78 28.45 -7.34
N GLN A 199 16.70 29.25 -6.80
CA GLN A 199 17.76 29.81 -7.62
C GLN A 199 18.93 28.82 -7.77
N LYS A 200 19.76 29.11 -8.77
CA LYS A 200 20.85 28.20 -9.12
C LYS A 200 21.91 28.14 -8.02
N GLY A 201 22.14 29.25 -7.31
CA GLY A 201 23.17 29.31 -6.31
C GLY A 201 22.88 28.57 -5.02
N VAL A 202 21.65 28.11 -4.83
CA VAL A 202 21.30 27.37 -3.62
C VAL A 202 22.12 26.10 -3.53
N PHE A 203 22.42 25.47 -4.67
CA PHE A 203 23.09 24.18 -4.73
C PHE A 203 24.58 24.32 -5.08
N ASP A 204 25.24 25.37 -4.59
CA ASP A 204 26.66 25.54 -4.89
C ASP A 204 27.52 24.48 -4.21
N ILE A 205 27.07 23.95 -3.08
CA ILE A 205 27.87 22.96 -2.34
C ILE A 205 27.94 21.65 -3.10
N PHE A 206 26.82 21.20 -3.64
CA PHE A 206 26.74 19.86 -4.18
C PHE A 206 27.52 19.75 -5.49
N ASP A 207 28.21 18.62 -5.66
CA ASP A 207 28.88 18.36 -6.92
C ASP A 207 27.89 18.20 -8.06
N TYR A 208 26.71 17.63 -7.77
CA TYR A 208 25.69 17.41 -8.79
C TYR A 208 24.32 17.45 -8.16
N VAL A 209 23.31 17.75 -8.98
CA VAL A 209 21.93 17.86 -8.55
C VAL A 209 21.08 17.06 -9.53
N MET A 210 20.47 15.97 -9.06
CA MET A 210 19.54 15.18 -9.85
C MET A 210 18.13 15.51 -9.42
N LEU A 211 17.33 16.03 -10.35
CA LEU A 211 16.07 16.65 -10.02
C LEU A 211 14.90 15.97 -10.73
N GLY A 212 13.71 16.29 -10.24
CA GLY A 212 12.47 15.90 -10.90
C GLY A 212 11.38 16.87 -10.52
N HIS A 213 10.45 17.08 -11.46
CA HIS A 213 9.23 17.87 -11.33
C HIS A 213 8.83 18.37 -12.70
N LEU A 214 9.78 18.98 -13.40
CA LEU A 214 9.56 19.47 -14.76
C LEU A 214 9.71 18.31 -15.72
N HIS A 215 8.65 18.05 -16.51
CA HIS A 215 8.58 16.86 -17.33
C HIS A 215 9.39 16.97 -18.61
N HIS A 216 9.78 18.17 -19.01
CA HIS A 216 10.67 18.34 -20.17
C HIS A 216 12.09 17.95 -19.76
N PRO A 217 12.71 16.97 -20.43
CA PRO A 217 14.08 16.57 -20.01
C PRO A 217 15.09 17.70 -20.10
N PHE A 218 15.00 18.55 -21.12
CA PHE A 218 15.89 19.70 -21.27
C PHE A 218 15.26 20.98 -20.74
N SER A 219 14.52 20.89 -19.63
CA SER A 219 13.91 22.08 -19.06
C SER A 219 14.95 23.03 -18.51
N ILE A 220 16.05 22.50 -17.99
CA ILE A 220 17.15 23.29 -17.47
C ILE A 220 18.42 22.77 -18.10
N GLU A 221 19.07 23.58 -18.93
CA GLU A 221 20.36 23.25 -19.50
C GLU A 221 21.44 23.79 -18.57
N ASP A 222 22.15 22.88 -17.91
CA ASP A 222 23.18 23.27 -16.96
C ASP A 222 24.15 22.11 -16.78
N ASP A 223 25.36 22.45 -16.34
CA ASP A 223 26.38 21.42 -16.12
C ASP A 223 26.20 20.72 -14.78
N LYS A 224 25.60 21.39 -13.80
CA LYS A 224 25.49 20.87 -12.44
C LYS A 224 24.09 20.43 -12.06
N ILE A 225 23.05 21.02 -12.66
CA ILE A 225 21.67 20.73 -12.33
C ILE A 225 20.94 20.26 -13.59
N LYS A 226 20.14 19.21 -13.45
CA LYS A 226 19.48 18.63 -14.62
C LYS A 226 18.26 17.83 -14.19
N TYR A 227 17.19 17.97 -14.97
CA TYR A 227 15.96 17.20 -14.76
C TYR A 227 15.97 15.94 -15.62
N SER A 228 15.37 14.89 -15.09
CA SER A 228 15.23 13.67 -15.90
C SER A 228 14.10 13.81 -16.92
N GLY A 229 13.02 14.46 -16.54
CA GLY A 229 11.83 14.50 -17.36
C GLY A 229 10.91 13.34 -17.08
N SER A 230 9.68 13.44 -17.58
CA SER A 230 8.71 12.40 -17.38
C SER A 230 9.01 11.19 -18.26
N LEU A 231 8.44 10.04 -17.87
CA LEU A 231 8.63 8.82 -18.64
C LEU A 231 7.88 8.85 -19.97
N LEU A 232 6.77 9.58 -20.01
CA LEU A 232 5.95 9.67 -21.22
C LEU A 232 5.47 11.10 -21.39
N GLN A 233 4.84 11.36 -22.53
CA GLN A 233 4.15 12.64 -22.76
C GLN A 233 2.82 12.59 -22.02
N TYR A 234 2.67 13.42 -20.99
CA TYR A 234 1.48 13.40 -20.15
C TYR A 234 0.56 14.58 -20.42
N SER A 235 0.83 15.36 -21.46
CA SER A 235 -0.05 16.44 -21.87
C SER A 235 0.27 16.80 -23.31
N PHE A 236 -0.66 17.48 -23.96
CA PHE A 236 -0.46 17.87 -25.35
C PHE A 236 0.46 19.07 -25.49
N SER A 237 0.80 19.74 -24.39
CA SER A 237 1.86 20.74 -24.44
C SER A 237 3.20 20.12 -24.77
N GLU A 238 3.39 18.84 -24.42
CA GLU A 238 4.61 18.11 -24.71
C GLU A 238 4.47 17.22 -25.94
N ALA A 239 3.42 17.40 -26.73
CA ALA A 239 3.16 16.53 -27.87
C ALA A 239 4.33 16.55 -28.84
N GLY A 240 4.87 15.37 -29.11
CA GLY A 240 5.96 15.19 -30.05
C GLY A 240 7.34 15.23 -29.44
N GLN A 241 7.51 15.88 -28.28
CA GLN A 241 8.85 16.01 -27.71
C GLN A 241 9.30 14.69 -27.11
N ALA A 242 10.61 14.46 -27.20
CA ALA A 242 11.20 13.20 -26.76
C ALA A 242 11.29 13.14 -25.24
N LYS A 243 10.98 11.96 -24.70
CA LYS A 243 11.06 11.72 -23.27
C LYS A 243 11.87 10.45 -23.03
N GLY A 244 12.32 10.28 -21.78
CA GLY A 244 13.10 9.11 -21.44
C GLY A 244 13.81 9.23 -20.11
N TYR A 245 15.07 8.80 -20.07
CA TYR A 245 15.87 8.85 -18.85
C TYR A 245 17.24 9.41 -19.17
N ARG A 246 18.03 9.64 -18.11
CA ARG A 246 19.36 10.21 -18.22
C ARG A 246 20.38 9.26 -17.61
N ARG A 247 21.57 9.20 -18.22
CA ARG A 247 22.69 8.43 -17.71
C ARG A 247 23.78 9.39 -17.24
N LEU A 248 24.30 9.15 -16.05
CA LEU A 248 25.33 10.00 -15.45
C LEU A 248 26.48 9.10 -15.00
N THR A 249 27.68 9.37 -15.51
CA THR A 249 28.87 8.58 -15.20
C THR A 249 29.91 9.49 -14.57
N ILE A 250 30.35 9.15 -13.37
CA ILE A 250 31.48 9.81 -12.73
C ILE A 250 32.72 8.99 -13.09
N ASN A 251 33.63 9.58 -13.87
CA ASN A 251 34.82 8.87 -14.33
C ASN A 251 36.05 9.53 -13.70
N ASP A 252 36.33 9.11 -12.45
CA ASP A 252 37.47 9.60 -11.68
C ASP A 252 37.45 11.12 -11.57
N GLY A 253 36.38 11.63 -10.96
CA GLY A 253 36.22 13.05 -10.74
C GLY A 253 35.70 13.85 -11.92
N ILE A 254 35.54 13.23 -13.09
CA ILE A 254 35.07 13.91 -14.30
C ILE A 254 33.64 13.47 -14.54
N ILE A 255 32.71 14.39 -14.38
CA ILE A 255 31.28 14.09 -14.45
C ILE A 255 30.78 14.32 -15.86
N ASN A 256 30.05 13.35 -16.41
CA ASN A 256 29.48 13.45 -17.75
C ASN A 256 28.05 12.93 -17.74
N ASP A 257 27.16 13.64 -18.41
CA ASP A 257 25.73 13.33 -18.41
C ASP A 257 25.20 13.34 -19.84
N VAL A 258 24.33 12.38 -20.15
CA VAL A 258 23.71 12.29 -21.47
C VAL A 258 22.29 11.75 -21.32
N PHE A 259 21.43 12.13 -22.26
CA PHE A 259 20.02 11.76 -22.26
C PHE A 259 19.79 10.62 -23.24
N ILE A 260 18.99 9.64 -22.81
CA ILE A 260 18.69 8.47 -23.65
C ILE A 260 17.19 8.44 -23.89
N PRO A 261 16.72 8.63 -25.12
CA PRO A 261 15.29 8.67 -25.37
C PRO A 261 14.67 7.28 -25.31
N LEU A 262 13.41 7.23 -24.87
CA LEU A 262 12.61 6.02 -24.90
C LEU A 262 11.48 6.20 -25.92
N LYS A 263 11.13 5.12 -26.61
CA LYS A 263 10.10 5.17 -27.64
C LYS A 263 8.81 4.59 -27.10
N PRO A 264 7.74 5.37 -27.01
CA PRO A 264 6.50 4.85 -26.42
C PRO A 264 5.70 3.99 -27.40
N LEU A 265 4.76 3.26 -26.83
CA LEU A 265 3.79 2.51 -27.65
C LEU A 265 3.06 3.45 -28.60
N ARG A 266 2.75 4.66 -28.14
CA ARG A 266 2.18 5.70 -28.99
C ARG A 266 2.53 7.06 -28.37
N GLN A 267 2.43 8.09 -29.20
CA GLN A 267 2.78 9.44 -28.81
C GLN A 267 1.51 10.29 -28.70
N LEU A 268 1.70 11.58 -28.47
CA LEU A 268 0.63 12.56 -28.50
C LEU A 268 0.88 13.51 -29.66
N GLU A 269 -0.13 13.73 -30.49
CA GLU A 269 0.00 14.59 -31.66
C GLU A 269 -1.22 15.49 -31.76
N ILE A 270 -0.99 16.69 -32.30
CA ILE A 270 -2.03 17.69 -32.53
C ILE A 270 -2.14 17.92 -34.04
N ILE A 271 -3.35 17.83 -34.56
CA ILE A 271 -3.61 18.04 -35.98
C ILE A 271 -4.63 19.15 -36.15
N SER A 272 -4.34 20.10 -37.02
CA SER A 272 -5.27 21.16 -37.39
C SER A 272 -5.60 21.03 -38.88
N GLY A 273 -6.84 21.35 -39.24
CA GLY A 273 -7.25 21.28 -40.63
C GLY A 273 -8.76 21.29 -40.76
N GLU A 274 -9.22 20.76 -41.89
CA GLU A 274 -10.65 20.66 -42.18
C GLU A 274 -11.19 19.33 -41.71
N TYR A 275 -12.46 19.33 -41.30
CA TYR A 275 -13.09 18.10 -40.81
C TYR A 275 -13.08 17.03 -41.90
N ASN A 276 -13.55 17.38 -43.10
CA ASN A 276 -13.64 16.40 -44.17
C ASN A 276 -12.28 15.99 -44.71
N ASP A 277 -11.21 16.70 -44.37
CA ASP A 277 -9.87 16.25 -44.77
C ASP A 277 -9.35 15.16 -43.85
N VAL A 278 -9.77 15.15 -42.58
CA VAL A 278 -9.21 14.19 -41.63
C VAL A 278 -10.05 12.92 -41.51
N ILE A 279 -11.37 13.02 -41.67
CA ILE A 279 -12.17 11.80 -41.61
C ILE A 279 -12.17 11.08 -42.96
N ASN A 280 -11.98 11.81 -44.05
CA ASN A 280 -11.76 11.19 -45.34
C ASN A 280 -10.29 10.84 -45.57
N GLU A 281 -9.44 11.03 -44.56
CA GLU A 281 -8.05 10.57 -44.57
C GLU A 281 -7.24 11.22 -45.68
N LYS A 282 -7.57 12.47 -46.02
CA LYS A 282 -6.78 13.25 -46.95
C LYS A 282 -5.72 14.10 -46.25
N VAL A 283 -5.50 13.87 -44.95
CA VAL A 283 -4.53 14.61 -44.16
C VAL A 283 -3.46 13.64 -43.68
N HIS A 284 -2.25 14.16 -43.51
CA HIS A 284 -1.15 13.35 -43.02
C HIS A 284 -1.16 13.29 -41.49
N VAL A 285 -0.99 12.07 -40.97
CA VAL A 285 -0.81 11.83 -39.55
C VAL A 285 0.41 10.93 -39.38
N LYS A 286 1.26 11.26 -38.40
CA LYS A 286 2.44 10.44 -38.14
C LYS A 286 2.04 9.00 -37.83
N ASN A 287 1.03 8.83 -37.00
CA ASN A 287 0.53 7.51 -36.64
C ASN A 287 -0.91 7.67 -36.20
N LYS A 288 -1.83 6.97 -36.87
CA LYS A 288 -3.24 7.11 -36.55
C LYS A 288 -3.69 6.27 -35.36
N ASP A 289 -2.76 5.56 -34.71
CA ASP A 289 -3.02 4.93 -33.42
C ASP A 289 -2.63 5.84 -32.26
N ASN A 290 -2.12 7.03 -32.53
CA ASN A 290 -1.66 7.95 -31.50
C ASN A 290 -2.83 8.45 -30.65
N TYR A 291 -2.49 8.96 -29.47
CA TYR A 291 -3.41 9.81 -28.72
C TYR A 291 -3.47 11.17 -29.41
N LEU A 292 -4.67 11.59 -29.81
CA LEU A 292 -4.79 12.71 -30.74
C LEU A 292 -5.69 13.81 -30.19
N HIS A 293 -5.27 15.05 -30.40
CA HIS A 293 -6.07 16.24 -30.15
C HIS A 293 -6.39 16.87 -31.50
N PHE A 294 -7.68 16.99 -31.81
CA PHE A 294 -8.14 17.48 -33.11
C PHE A 294 -8.71 18.88 -32.96
N LYS A 295 -8.07 19.84 -33.64
CA LYS A 295 -8.54 21.22 -33.70
C LYS A 295 -8.96 21.47 -35.15
N LEU A 296 -10.27 21.39 -35.42
CA LEU A 296 -10.77 21.22 -36.78
C LEU A 296 -11.71 22.34 -37.19
N LYS A 297 -12.12 22.30 -38.45
CA LYS A 297 -13.02 23.30 -39.00
C LYS A 297 -14.42 22.71 -39.16
N ASN A 298 -15.27 23.38 -39.92
CA ASN A 298 -16.66 22.99 -40.13
C ASN A 298 -17.37 22.75 -38.80
N MET A 299 -17.95 23.80 -38.22
CA MET A 299 -18.47 23.72 -36.87
C MET A 299 -19.67 22.76 -36.77
N SER A 300 -20.54 22.75 -37.77
CA SER A 300 -21.73 21.91 -37.72
C SER A 300 -21.35 20.45 -37.95
N HIS A 301 -21.75 19.60 -37.03
CA HIS A 301 -21.28 18.22 -36.93
C HIS A 301 -22.46 17.28 -37.07
N ILE A 302 -22.54 16.58 -38.20
CA ILE A 302 -23.67 15.68 -38.43
C ILE A 302 -23.53 14.45 -37.55
N THR A 303 -24.57 14.17 -36.77
CA THR A 303 -24.58 13.09 -35.76
C THR A 303 -23.47 13.40 -34.75
N ASP A 304 -22.76 12.38 -34.24
CA ASP A 304 -21.64 12.63 -33.34
C ASP A 304 -20.42 13.06 -34.14
N PRO A 305 -19.80 14.19 -33.81
CA PRO A 305 -18.55 14.55 -34.51
C PRO A 305 -17.39 13.64 -34.14
N MET A 306 -17.26 13.28 -32.87
CA MET A 306 -16.00 12.71 -32.38
C MET A 306 -15.89 11.21 -32.60
N MET A 307 -16.92 10.43 -32.27
CA MET A 307 -16.78 8.99 -32.42
C MET A 307 -17.05 8.52 -33.85
N SER A 308 -17.45 9.44 -34.74
CA SER A 308 -17.25 9.21 -36.16
C SER A 308 -15.76 9.23 -36.49
N LEU A 309 -15.01 10.09 -35.82
CA LEU A 309 -13.55 10.11 -35.96
C LEU A 309 -12.92 8.90 -35.27
N LYS A 310 -13.57 8.38 -34.22
CA LYS A 310 -12.98 7.28 -33.47
C LYS A 310 -12.95 5.98 -34.26
N GLN A 311 -13.79 5.84 -35.28
CA GLN A 311 -13.70 4.66 -36.14
C GLN A 311 -12.43 4.71 -36.99
N ILE A 312 -12.01 5.91 -37.40
CA ILE A 312 -10.77 6.06 -38.14
C ILE A 312 -9.59 6.02 -37.18
N TYR A 313 -9.65 6.80 -36.11
CA TYR A 313 -8.56 6.94 -35.14
C TYR A 313 -9.04 6.49 -33.77
N PRO A 314 -8.63 5.31 -33.29
CA PRO A 314 -9.28 4.75 -32.10
C PRO A 314 -9.01 5.50 -30.82
N ASN A 315 -7.76 5.91 -30.59
CA ASN A 315 -7.35 6.50 -29.32
C ASN A 315 -7.38 8.01 -29.33
N THR A 316 -8.37 8.60 -30.01
CA THR A 316 -8.56 10.05 -29.96
C THR A 316 -9.06 10.45 -28.57
N LEU A 317 -8.63 11.62 -28.11
CA LEU A 317 -8.91 12.03 -26.74
C LEU A 317 -9.72 13.32 -26.65
N ALA A 318 -9.32 14.37 -27.38
CA ALA A 318 -9.97 15.66 -27.28
C ALA A 318 -10.31 16.18 -28.68
N LEU A 319 -11.33 17.04 -28.73
CA LEU A 319 -11.78 17.67 -29.97
C LEU A 319 -12.05 19.14 -29.68
N THR A 320 -11.35 20.02 -30.39
CA THR A 320 -11.53 21.46 -30.27
C THR A 320 -11.94 22.03 -31.62
N ASN A 321 -12.87 22.99 -31.59
CA ASN A 321 -13.46 23.50 -32.81
C ASN A 321 -13.79 24.98 -32.67
N ALA B 4 9.29 -24.41 21.35
CA ALA B 4 8.28 -24.39 20.30
C ALA B 4 7.00 -23.70 20.79
N LYS B 5 7.02 -22.37 20.86
CA LYS B 5 5.88 -21.58 21.29
C LYS B 5 5.36 -20.76 20.12
N ILE B 6 4.06 -20.91 19.82
CA ILE B 6 3.43 -20.26 18.70
C ILE B 6 2.37 -19.29 19.21
N ILE B 7 2.21 -18.16 18.51
CA ILE B 7 1.18 -17.18 18.81
C ILE B 7 0.13 -17.26 17.70
N HIS B 8 -1.13 -17.40 18.10
CA HIS B 8 -2.24 -17.58 17.18
C HIS B 8 -3.18 -16.38 17.29
N THR B 9 -3.31 -15.64 16.19
CA THR B 9 -4.21 -14.50 16.13
C THR B 9 -4.78 -14.42 14.71
N ALA B 10 -5.85 -13.66 14.56
CA ALA B 10 -6.52 -13.49 13.28
C ALA B 10 -7.57 -12.41 13.41
N ASP B 11 -8.19 -12.07 12.27
CA ASP B 11 -9.37 -11.20 12.23
C ASP B 11 -9.11 -9.86 12.89
N TRP B 12 -8.05 -9.19 12.45
CA TRP B 12 -7.78 -7.84 12.93
C TRP B 12 -8.82 -6.87 12.39
N HIS B 13 -9.18 -7.01 11.11
CA HIS B 13 -10.17 -6.16 10.45
C HIS B 13 -9.83 -4.68 10.61
N LEU B 14 -8.58 -4.34 10.30
CA LEU B 14 -8.11 -2.98 10.48
C LEU B 14 -8.89 -2.02 9.57
N GLY B 15 -9.32 -0.90 10.14
CA GLY B 15 -10.20 0.01 9.44
C GLY B 15 -11.68 -0.27 9.63
N LYS B 16 -12.03 -1.18 10.55
CA LYS B 16 -13.43 -1.53 10.75
C LYS B 16 -14.21 -0.33 11.28
N ILE B 17 -15.38 -0.10 10.69
CA ILE B 17 -16.30 0.94 11.12
C ILE B 17 -17.48 0.27 11.83
N LEU B 18 -17.85 0.79 12.99
CA LEU B 18 -18.98 0.27 13.76
C LEU B 18 -19.93 1.41 14.06
N ASN B 19 -21.12 1.37 13.46
CA ASN B 19 -22.17 2.37 13.67
C ASN B 19 -21.65 3.77 13.39
N GLY B 20 -20.89 3.92 12.31
CA GLY B 20 -20.47 5.22 11.81
C GLY B 20 -19.18 5.77 12.39
N LYS B 21 -18.48 5.00 13.22
CA LYS B 21 -17.25 5.46 13.83
C LYS B 21 -16.12 4.50 13.49
N GLN B 22 -14.99 5.05 13.05
CA GLN B 22 -13.81 4.23 12.84
C GLN B 22 -13.25 3.74 14.17
N LEU B 23 -12.87 2.46 14.22
CA LEU B 23 -12.33 1.86 15.43
C LEU B 23 -10.81 1.85 15.43
N LEU B 24 -10.17 2.67 14.60
CA LEU B 24 -8.72 2.60 14.47
C LEU B 24 -8.01 3.08 15.75
N GLU B 25 -8.61 4.02 16.48
CA GLU B 25 -8.03 4.43 17.75
C GLU B 25 -8.05 3.27 18.74
N ASP B 26 -9.10 2.46 18.71
CA ASP B 26 -9.16 1.27 19.56
C ASP B 26 -8.18 0.21 19.07
N GLN B 27 -8.10 0.01 17.75
CA GLN B 27 -7.25 -1.05 17.21
C GLN B 27 -5.78 -0.75 17.40
N ALA B 28 -5.37 0.52 17.31
CA ALA B 28 -3.97 0.87 17.58
C ALA B 28 -3.61 0.61 19.03
N TYR B 29 -4.57 0.77 19.95
CA TYR B 29 -4.31 0.48 21.36
C TYR B 29 -4.17 -1.02 21.60
N ILE B 30 -5.01 -1.82 20.93
CA ILE B 30 -4.96 -3.26 21.17
C ILE B 30 -3.76 -3.90 20.47
N LEU B 31 -3.29 -3.30 19.37
CA LEU B 31 -2.07 -3.78 18.74
C LEU B 31 -0.84 -3.39 19.55
N ASP B 32 -0.89 -2.20 20.17
CA ASP B 32 0.20 -1.80 21.07
C ASP B 32 0.31 -2.78 22.24
N MET B 33 -0.81 -3.09 22.89
CA MET B 33 -0.80 -4.06 23.97
C MET B 33 -0.45 -5.47 23.52
N PHE B 34 -0.67 -5.79 22.24
CA PHE B 34 -0.37 -7.14 21.78
C PHE B 34 1.13 -7.40 21.72
N VAL B 35 1.89 -6.42 21.24
CA VAL B 35 3.34 -6.61 21.13
C VAL B 35 4.02 -6.39 22.48
N GLU B 36 3.40 -5.60 23.37
CA GLU B 36 3.91 -5.52 24.74
C GLU B 36 3.81 -6.88 25.42
N LYS B 37 2.75 -7.62 25.13
CA LYS B 37 2.64 -9.00 25.59
C LYS B 37 3.45 -9.96 24.72
N MET B 38 3.91 -9.51 23.54
CA MET B 38 4.86 -10.29 22.76
C MET B 38 6.30 -10.08 23.21
N LYS B 39 6.57 -9.00 23.95
CA LYS B 39 7.88 -8.84 24.56
C LYS B 39 8.05 -9.80 25.74
N GLU B 40 6.99 -9.97 26.53
CA GLU B 40 6.97 -10.94 27.62
C GLU B 40 7.15 -12.36 27.08
N GLU B 41 6.09 -12.88 26.48
CA GLU B 41 6.14 -14.18 25.80
C GLU B 41 7.09 -14.07 24.62
N GLU B 42 8.28 -14.62 24.75
CA GLU B 42 9.21 -14.66 23.61
C GLU B 42 8.80 -15.81 22.71
N PRO B 43 8.16 -15.53 21.57
CA PRO B 43 7.59 -16.62 20.78
C PRO B 43 8.49 -17.04 19.62
N ASP B 44 8.30 -18.26 19.13
CA ASP B 44 9.03 -18.70 17.96
C ASP B 44 8.36 -18.22 16.68
N ILE B 45 7.04 -18.39 16.58
CA ILE B 45 6.26 -17.91 15.45
C ILE B 45 5.09 -17.08 15.95
N ILE B 46 4.68 -16.11 15.15
CA ILE B 46 3.39 -15.46 15.27
C ILE B 46 2.63 -15.73 13.99
N VAL B 47 1.40 -16.22 14.12
CA VAL B 47 0.58 -16.60 12.98
C VAL B 47 -0.67 -15.72 12.99
N ILE B 48 -0.94 -15.07 11.86
CA ILE B 48 -2.11 -14.23 11.69
C ILE B 48 -2.94 -14.87 10.58
N ALA B 49 -4.02 -15.55 10.97
CA ALA B 49 -4.78 -16.39 10.05
C ALA B 49 -5.86 -15.64 9.28
N GLY B 50 -5.49 -14.49 8.70
CA GLY B 50 -6.34 -13.83 7.74
C GLY B 50 -7.23 -12.76 8.35
N ASP B 51 -7.89 -12.01 7.46
CA ASP B 51 -8.79 -10.91 7.79
C ASP B 51 -8.05 -9.80 8.57
N LEU B 52 -6.99 -9.29 7.95
CA LEU B 52 -6.21 -8.24 8.60
C LEU B 52 -6.82 -6.86 8.36
N TYR B 53 -7.30 -6.62 7.15
CA TYR B 53 -8.05 -5.40 6.85
C TYR B 53 -9.55 -5.72 6.84
N ASP B 54 -10.36 -4.66 6.78
CA ASP B 54 -11.80 -4.81 6.72
C ASP B 54 -12.35 -4.73 5.30
N THR B 55 -11.70 -3.97 4.42
CA THR B 55 -12.05 -3.90 3.01
C THR B 55 -10.80 -4.12 2.17
N THR B 56 -11.00 -4.24 0.86
CA THR B 56 -9.86 -4.41 -0.03
C THR B 56 -9.16 -3.10 -0.35
N TYR B 57 -9.69 -1.98 0.13
CA TYR B 57 -9.07 -0.66 -0.07
C TYR B 57 -9.00 0.04 1.28
N PRO B 58 -8.04 -0.32 2.12
CA PRO B 58 -7.91 0.33 3.43
C PRO B 58 -7.44 1.76 3.31
N SER B 59 -7.68 2.53 4.36
CA SER B 59 -7.24 3.91 4.40
C SER B 59 -5.72 3.96 4.59
N LYS B 60 -5.17 5.17 4.42
CA LYS B 60 -3.74 5.36 4.65
C LYS B 60 -3.36 5.06 6.09
N ASP B 61 -4.23 5.44 7.05
CA ASP B 61 -3.93 5.21 8.45
C ASP B 61 -3.96 3.74 8.81
N ALA B 62 -4.89 2.98 8.22
CA ALA B 62 -4.97 1.55 8.51
C ALA B 62 -3.75 0.81 7.98
N ILE B 63 -3.29 1.18 6.78
CA ILE B 63 -2.09 0.55 6.22
C ILE B 63 -0.88 0.86 7.10
N MET B 64 -0.78 2.10 7.58
CA MET B 64 0.35 2.47 8.44
C MET B 64 0.35 1.66 9.74
N LEU B 65 -0.84 1.32 10.24
CA LEU B 65 -0.92 0.57 11.50
C LEU B 65 -0.41 -0.86 11.32
N LEU B 66 -0.77 -1.51 10.21
CA LEU B 66 -0.26 -2.86 9.96
C LEU B 66 1.24 -2.84 9.75
N GLU B 67 1.77 -1.80 9.12
CA GLU B 67 3.21 -1.70 8.91
C GLU B 67 3.94 -1.50 10.23
N GLN B 68 3.42 -0.62 11.09
CA GLN B 68 4.06 -0.38 12.37
C GLN B 68 4.00 -1.60 13.27
N ALA B 69 2.82 -2.22 13.36
CA ALA B 69 2.67 -3.39 14.23
C ALA B 69 3.54 -4.54 13.74
N ILE B 70 3.42 -4.91 12.47
CA ILE B 70 4.23 -5.99 11.92
C ILE B 70 5.71 -5.68 12.08
N GLY B 71 6.09 -4.40 11.90
CA GLY B 71 7.49 -4.03 11.98
C GLY B 71 8.09 -4.27 13.36
N LYS B 72 7.36 -3.89 14.41
CA LYS B 72 7.87 -4.11 15.76
C LYS B 72 8.07 -5.60 16.02
N LEU B 73 7.16 -6.44 15.54
CA LEU B 73 7.28 -7.87 15.74
C LEU B 73 8.45 -8.45 14.96
N ASN B 74 8.49 -8.19 13.66
CA ASN B 74 9.45 -8.87 12.79
C ASN B 74 10.84 -8.26 12.84
N LEU B 75 10.94 -6.95 13.04
CA LEU B 75 12.23 -6.26 13.03
C LEU B 75 12.72 -5.93 14.43
N GLU B 76 11.96 -5.10 15.16
CA GLU B 76 12.39 -4.67 16.49
C GLU B 76 12.62 -5.85 17.41
N LEU B 77 11.72 -6.83 17.40
CA LEU B 77 11.79 -7.98 18.28
C LEU B 77 12.33 -9.23 17.59
N ARG B 78 12.52 -9.20 16.27
CA ARG B 78 13.07 -10.33 15.51
C ARG B 78 12.22 -11.58 15.67
N ILE B 79 10.93 -11.45 15.36
CA ILE B 79 9.98 -12.56 15.44
C ILE B 79 9.55 -12.93 14.04
N PRO B 80 9.56 -14.21 13.67
CA PRO B 80 8.97 -14.62 12.39
C PRO B 80 7.46 -14.52 12.42
N ILE B 81 6.87 -14.23 11.26
CA ILE B 81 5.43 -14.05 11.12
C ILE B 81 4.97 -14.76 9.85
N ILE B 82 3.80 -15.40 9.93
CA ILE B 82 3.11 -15.98 8.79
C ILE B 82 1.77 -15.29 8.63
N MET B 83 1.47 -14.82 7.42
CA MET B 83 0.26 -14.05 7.16
C MET B 83 -0.56 -14.74 6.07
N ILE B 84 -1.72 -15.25 6.45
CA ILE B 84 -2.70 -15.79 5.54
C ILE B 84 -3.62 -14.67 5.11
N SER B 85 -4.12 -14.73 3.88
CA SER B 85 -5.11 -13.77 3.40
C SER B 85 -6.50 -14.24 3.78
N GLY B 86 -7.32 -13.32 4.30
CA GLY B 86 -8.69 -13.62 4.66
C GLY B 86 -9.67 -13.26 3.56
N ASN B 87 -10.95 -13.48 3.86
CA ASN B 87 -12.01 -13.20 2.89
C ASN B 87 -12.28 -11.72 2.72
N HIS B 88 -11.80 -10.86 3.61
CA HIS B 88 -12.12 -9.43 3.57
C HIS B 88 -11.06 -8.60 2.87
N ASP B 89 -9.78 -8.89 3.08
CA ASP B 89 -8.71 -8.01 2.62
C ASP B 89 -8.31 -8.34 1.19
N GLY B 90 -7.67 -7.35 0.54
CA GLY B 90 -7.22 -7.49 -0.83
C GLY B 90 -5.86 -8.16 -0.89
N LYS B 91 -5.74 -9.13 -1.79
CA LYS B 91 -4.55 -9.99 -1.81
C LYS B 91 -3.29 -9.22 -2.21
N GLU B 92 -3.43 -8.28 -3.15
CA GLU B 92 -2.25 -7.57 -3.66
C GLU B 92 -1.79 -6.48 -2.70
N ARG B 93 -2.70 -5.87 -1.96
CA ARG B 93 -2.30 -4.92 -0.92
C ARG B 93 -1.66 -5.64 0.25
N LEU B 94 -2.10 -6.87 0.55
CA LEU B 94 -1.52 -7.60 1.66
C LEU B 94 -0.12 -8.13 1.33
N ASN B 95 0.08 -8.63 0.11
CA ASN B 95 1.36 -9.21 -0.26
C ASN B 95 2.32 -8.19 -0.87
N TYR B 96 2.01 -6.90 -0.78
CA TYR B 96 2.89 -5.89 -1.33
C TYR B 96 4.26 -5.97 -0.66
N GLY B 97 5.29 -6.13 -1.48
CA GLY B 97 6.63 -6.24 -0.94
C GLY B 97 6.94 -7.56 -0.26
N ALA B 98 6.13 -8.59 -0.50
CA ALA B 98 6.35 -9.87 0.17
C ALA B 98 7.67 -10.49 -0.26
N SER B 99 8.17 -10.16 -1.44
CA SER B 99 9.43 -10.72 -1.92
C SER B 99 10.60 -10.24 -1.07
N TRP B 100 10.60 -8.96 -0.68
CA TRP B 100 11.63 -8.43 0.20
C TRP B 100 11.47 -8.88 1.64
N PHE B 101 10.25 -9.26 2.04
CA PHE B 101 9.98 -9.58 3.44
C PHE B 101 10.48 -10.96 3.83
N GLU B 102 10.68 -11.85 2.86
CA GLU B 102 11.09 -13.21 3.19
C GLU B 102 12.48 -13.29 3.80
N HIS B 103 13.31 -12.27 3.59
CA HIS B 103 14.67 -12.28 4.12
C HIS B 103 14.70 -12.07 5.62
N ASN B 104 13.67 -11.44 6.19
CA ASN B 104 13.54 -11.30 7.63
C ASN B 104 12.56 -12.31 8.21
N GLN B 105 12.22 -13.36 7.45
CA GLN B 105 11.30 -14.41 7.88
C GLN B 105 9.90 -13.85 8.14
N LEU B 106 9.41 -13.05 7.20
CA LEU B 106 8.04 -12.55 7.20
C LEU B 106 7.35 -13.10 5.95
N PHE B 107 6.43 -14.04 6.14
CA PHE B 107 5.82 -14.78 5.06
C PHE B 107 4.37 -14.35 4.88
N ILE B 108 4.02 -13.96 3.66
CA ILE B 108 2.68 -13.53 3.31
C ILE B 108 2.16 -14.44 2.20
N ARG B 109 1.03 -15.10 2.46
CA ARG B 109 0.42 -16.01 1.50
C ARG B 109 -0.98 -15.52 1.17
N THR B 110 -1.19 -15.16 -0.09
CA THR B 110 -2.52 -14.82 -0.59
C THR B 110 -2.99 -15.77 -1.68
N ASP B 111 -2.15 -16.71 -2.11
CA ASP B 111 -2.49 -17.71 -3.11
C ASP B 111 -2.85 -19.01 -2.41
N PHE B 112 -4.06 -19.53 -2.68
CA PHE B 112 -4.45 -20.80 -2.08
C PHE B 112 -3.64 -21.96 -2.65
N THR B 113 -3.11 -21.81 -3.87
CA THR B 113 -2.24 -22.84 -4.45
C THR B 113 -0.87 -22.89 -3.78
N SER B 114 -0.62 -22.05 -2.79
CA SER B 114 0.64 -22.05 -2.04
C SER B 114 0.67 -23.09 -0.93
N ILE B 115 -0.36 -23.94 -0.83
CA ILE B 115 -0.38 -24.95 0.22
C ILE B 115 0.67 -26.02 0.00
N ASN B 116 1.12 -26.22 -1.25
CA ASN B 116 2.06 -27.28 -1.58
C ASN B 116 3.50 -26.93 -1.23
N SER B 117 3.77 -25.75 -0.68
CA SER B 117 5.11 -25.32 -0.28
C SER B 117 5.06 -24.81 1.14
N PRO B 118 5.07 -25.72 2.12
CA PRO B 118 4.93 -25.30 3.52
C PRO B 118 6.18 -24.59 4.03
N ILE B 119 5.98 -23.81 5.09
CA ILE B 119 7.04 -23.09 5.78
C ILE B 119 7.35 -23.82 7.08
N GLU B 120 8.63 -24.13 7.29
CA GLU B 120 9.05 -24.89 8.46
C GLU B 120 10.02 -24.06 9.29
N ILE B 121 9.67 -23.83 10.55
CA ILE B 121 10.56 -23.19 11.51
C ILE B 121 10.47 -23.94 12.83
N ASN B 122 11.62 -24.15 13.46
CA ASN B 122 11.73 -24.84 14.76
C ASN B 122 11.30 -26.30 14.66
N GLY B 123 11.41 -26.90 13.48
CA GLY B 123 11.03 -28.29 13.30
C GLY B 123 9.56 -28.54 13.09
N VAL B 124 8.76 -27.48 12.92
CA VAL B 124 7.32 -27.59 12.70
C VAL B 124 6.99 -27.08 11.31
N ASN B 125 6.26 -27.87 10.54
CA ASN B 125 5.88 -27.50 9.19
C ASN B 125 4.52 -26.81 9.20
N PHE B 126 4.42 -25.67 8.52
CA PHE B 126 3.20 -24.88 8.48
C PHE B 126 2.66 -24.89 7.05
N TYR B 127 1.46 -25.45 6.87
CA TYR B 127 0.80 -25.46 5.58
C TYR B 127 -0.15 -24.28 5.51
N THR B 128 0.00 -23.46 4.47
CA THR B 128 -0.73 -22.22 4.33
C THR B 128 -1.87 -22.41 3.33
N LEU B 129 -3.09 -22.13 3.78
CA LEU B 129 -4.29 -22.23 2.94
C LEU B 129 -5.04 -20.92 3.02
N PRO B 130 -4.57 -19.89 2.31
CA PRO B 130 -5.31 -18.62 2.27
C PRO B 130 -6.72 -18.83 1.74
N TYR B 131 -7.59 -17.86 2.02
CA TYR B 131 -8.96 -17.97 1.57
C TYR B 131 -9.03 -17.91 0.06
N ALA B 132 -9.94 -18.72 -0.50
CA ALA B 132 -10.28 -18.64 -1.92
C ALA B 132 -11.74 -19.03 -2.05
N THR B 133 -12.36 -18.57 -3.13
CA THR B 133 -13.75 -18.92 -3.40
C THR B 133 -13.81 -20.11 -4.35
N VAL B 134 -15.00 -20.71 -4.42
CA VAL B 134 -15.16 -21.91 -5.23
C VAL B 134 -15.02 -21.61 -6.71
N SER B 135 -15.37 -20.39 -7.15
CA SER B 135 -15.15 -20.02 -8.54
C SER B 135 -13.67 -19.89 -8.84
N GLU B 136 -12.87 -19.47 -7.86
CA GLU B 136 -11.43 -19.42 -8.02
C GLU B 136 -10.81 -20.81 -7.86
N MET B 137 -11.33 -21.60 -6.91
CA MET B 137 -10.80 -22.95 -6.72
C MET B 137 -11.21 -23.88 -7.85
N LYS B 138 -12.34 -23.59 -8.51
CA LYS B 138 -12.77 -24.42 -9.63
C LYS B 138 -11.79 -24.35 -10.79
N HIS B 139 -11.23 -23.16 -11.04
CA HIS B 139 -10.47 -22.94 -12.26
C HIS B 139 -9.04 -23.48 -12.18
N TYR B 140 -8.44 -23.52 -11.00
CA TYR B 140 -7.08 -24.04 -10.89
C TYR B 140 -7.03 -25.53 -11.19
N PHE B 141 -7.97 -26.30 -10.62
CA PHE B 141 -8.01 -27.73 -10.87
C PHE B 141 -8.72 -28.10 -12.16
N GLU B 142 -9.36 -27.13 -12.83
CA GLU B 142 -10.15 -27.39 -14.03
C GLU B 142 -11.15 -28.50 -13.79
N ASP B 143 -11.81 -28.44 -12.64
CA ASP B 143 -12.72 -29.47 -12.17
C ASP B 143 -14.12 -28.88 -12.05
N ASP B 144 -15.12 -29.65 -12.44
CA ASP B 144 -16.50 -29.29 -12.13
C ASP B 144 -17.05 -30.12 -10.97
N THR B 145 -16.24 -31.00 -10.40
CA THR B 145 -16.66 -31.76 -9.21
C THR B 145 -16.98 -30.82 -8.06
N ILE B 146 -16.17 -29.79 -7.87
CA ILE B 146 -16.23 -28.95 -6.67
C ILE B 146 -17.25 -27.84 -6.89
N GLU B 147 -18.41 -27.97 -6.25
CA GLU B 147 -19.38 -26.90 -6.14
C GLU B 147 -19.58 -26.44 -4.71
N THR B 148 -19.07 -27.17 -3.73
CA THR B 148 -19.11 -26.80 -2.32
C THR B 148 -17.81 -26.11 -1.94
N HIS B 149 -17.83 -25.46 -0.76
CA HIS B 149 -16.58 -24.97 -0.21
C HIS B 149 -15.75 -26.08 0.39
N GLN B 150 -16.40 -27.14 0.89
CA GLN B 150 -15.67 -28.24 1.51
C GLN B 150 -14.91 -29.05 0.48
N GLN B 151 -15.54 -29.33 -0.67
CA GLN B 151 -14.87 -30.15 -1.69
C GLN B 151 -13.63 -29.44 -2.23
N GLY B 152 -13.70 -28.12 -2.40
CA GLY B 152 -12.52 -27.38 -2.84
C GLY B 152 -11.39 -27.43 -1.84
N ILE B 153 -11.70 -27.47 -0.55
CA ILE B 153 -10.67 -27.60 0.46
C ILE B 153 -10.12 -29.02 0.50
N THR B 154 -11.00 -30.02 0.41
CA THR B 154 -10.54 -31.39 0.26
C THR B 154 -9.62 -31.52 -0.94
N ARG B 155 -10.04 -30.98 -2.09
CA ARG B 155 -9.19 -30.93 -3.26
C ARG B 155 -7.85 -30.25 -2.96
N CYS B 156 -7.88 -29.24 -2.09
CA CYS B 156 -6.64 -28.52 -1.77
C CYS B 156 -5.67 -29.39 -0.99
N ILE B 157 -6.18 -30.08 0.05
CA ILE B 157 -5.32 -30.90 0.88
C ILE B 157 -4.85 -32.15 0.16
N GLU B 158 -5.58 -32.60 -0.87
CA GLU B 158 -5.14 -33.76 -1.61
C GLU B 158 -3.86 -33.51 -2.39
N THR B 159 -3.54 -32.24 -2.68
CA THR B 159 -2.27 -31.94 -3.32
C THR B 159 -1.09 -32.27 -2.42
N ILE B 160 -1.20 -31.94 -1.13
CA ILE B 160 -0.11 -32.18 -0.19
C ILE B 160 -0.21 -33.54 0.49
N ALA B 161 -1.24 -34.32 0.19
CA ALA B 161 -1.49 -35.59 0.87
C ALA B 161 -0.42 -36.63 0.56
N PRO B 162 0.02 -36.81 -0.70
CA PRO B 162 1.16 -37.71 -0.94
C PRO B 162 2.46 -37.12 -0.40
N GLU B 163 2.68 -35.84 -0.72
CA GLU B 163 3.90 -35.13 -0.32
C GLU B 163 3.72 -34.61 1.10
N ILE B 164 3.91 -35.51 2.06
CA ILE B 164 3.79 -35.14 3.47
C ILE B 164 4.52 -36.19 4.30
N ASP B 165 5.03 -35.76 5.45
CA ASP B 165 5.63 -36.65 6.43
C ASP B 165 4.72 -36.66 7.66
N GLU B 166 4.00 -37.77 7.85
CA GLU B 166 3.19 -37.92 9.05
C GLU B 166 4.04 -37.90 10.31
N ASP B 167 5.35 -38.11 10.18
CA ASP B 167 6.25 -38.03 11.34
C ASP B 167 6.30 -36.62 11.91
N ALA B 168 6.18 -35.60 11.08
CA ALA B 168 6.43 -34.22 11.49
C ALA B 168 5.17 -33.57 12.06
N VAL B 169 5.38 -32.47 12.78
CA VAL B 169 4.29 -31.64 13.26
C VAL B 169 3.78 -30.81 12.08
N ASN B 170 2.58 -31.11 11.61
CA ASN B 170 2.00 -30.45 10.44
C ASN B 170 0.81 -29.61 10.92
N ILE B 171 0.94 -28.29 10.81
CA ILE B 171 -0.11 -27.35 11.20
C ILE B 171 -0.66 -26.70 9.95
N LEU B 172 -1.98 -26.59 9.89
CA LEU B 172 -2.67 -25.96 8.78
C LEU B 172 -3.19 -24.60 9.22
N ILE B 173 -2.87 -23.57 8.44
CA ILE B 173 -3.38 -22.22 8.67
C ILE B 173 -4.34 -21.89 7.53
N SER B 174 -5.59 -21.63 7.86
CA SER B 174 -6.58 -21.33 6.85
C SER B 174 -7.65 -20.40 7.42
N HIS B 175 -8.64 -20.11 6.59
CA HIS B 175 -9.66 -19.10 6.89
C HIS B 175 -10.97 -19.62 6.30
N LEU B 176 -11.79 -20.26 7.13
CA LEU B 176 -13.01 -20.90 6.66
C LEU B 176 -13.98 -21.06 7.83
N THR B 177 -15.12 -21.71 7.54
CA THR B 177 -16.16 -21.96 8.53
C THR B 177 -16.23 -23.46 8.81
N VAL B 178 -16.27 -23.82 10.10
CA VAL B 178 -16.38 -25.21 10.51
C VAL B 178 -17.83 -25.50 10.88
N GLN B 179 -18.23 -26.76 10.72
CA GLN B 179 -19.60 -27.17 11.03
C GLN B 179 -19.91 -26.96 12.51
N GLY B 180 -21.02 -26.29 12.79
CA GLY B 180 -21.45 -26.08 14.15
C GLY B 180 -20.75 -24.95 14.88
N GLY B 181 -19.92 -24.17 14.19
CA GLY B 181 -19.24 -23.06 14.83
C GLY B 181 -20.17 -21.88 15.07
N LYS B 182 -19.93 -21.18 16.17
CA LYS B 182 -20.77 -20.05 16.53
C LYS B 182 -20.49 -18.85 15.63
N THR B 183 -21.53 -18.08 15.35
CA THR B 183 -21.47 -16.98 14.41
C THR B 183 -21.59 -15.64 15.13
N SER B 184 -21.06 -14.60 14.48
CA SER B 184 -21.19 -13.23 14.94
C SER B 184 -21.60 -12.36 13.76
N ASP B 185 -22.14 -11.19 14.08
CA ASP B 185 -22.72 -10.33 13.04
C ASP B 185 -21.67 -9.53 12.27
N SER B 186 -20.43 -9.50 12.74
CA SER B 186 -19.36 -8.82 12.03
C SER B 186 -18.64 -9.72 11.02
N GLU B 187 -19.14 -10.94 10.82
CA GLU B 187 -18.59 -11.85 9.82
C GLU B 187 -19.46 -11.81 8.57
N ARG B 188 -18.81 -12.01 7.42
CA ARG B 188 -19.48 -12.07 6.14
C ARG B 188 -19.77 -13.51 5.74
N PRO B 189 -20.79 -13.74 4.93
CA PRO B 189 -20.97 -15.07 4.32
C PRO B 189 -19.85 -15.36 3.33
N LEU B 190 -19.40 -16.61 3.33
CA LEU B 190 -18.25 -17.00 2.52
C LEU B 190 -18.63 -17.48 1.12
N THR B 191 -19.85 -17.97 0.93
CA THR B 191 -20.30 -18.50 -0.35
C THR B 191 -21.48 -17.70 -0.87
N ILE B 192 -21.94 -18.06 -2.06
CA ILE B 192 -23.12 -17.45 -2.66
C ILE B 192 -24.32 -18.35 -2.41
N GLY B 193 -24.78 -18.38 -1.15
CA GLY B 193 -26.04 -19.05 -0.83
C GLY B 193 -26.04 -20.55 -0.89
N THR B 194 -24.93 -21.20 -0.53
CA THR B 194 -24.87 -22.64 -0.33
C THR B 194 -24.53 -22.91 1.13
N VAL B 195 -23.83 -24.01 1.40
CA VAL B 195 -23.35 -24.33 2.74
C VAL B 195 -21.85 -24.07 2.75
N GLU B 196 -21.42 -23.09 3.56
CA GLU B 196 -20.03 -22.68 3.60
C GLU B 196 -19.22 -23.41 4.66
N SER B 197 -19.83 -24.34 5.39
CA SER B 197 -19.17 -25.01 6.49
C SER B 197 -18.45 -26.27 6.03
N VAL B 198 -17.46 -26.68 6.81
CA VAL B 198 -16.62 -27.84 6.53
C VAL B 198 -16.58 -28.73 7.76
N GLN B 199 -16.65 -30.03 7.55
CA GLN B 199 -16.60 -30.99 8.65
C GLN B 199 -15.15 -31.19 9.11
N LYS B 200 -15.01 -31.48 10.40
CA LYS B 200 -13.68 -31.63 11.02
C LYS B 200 -12.92 -32.83 10.51
N GLY B 201 -13.56 -33.74 9.74
CA GLY B 201 -12.85 -34.87 9.19
C GLY B 201 -11.92 -34.53 8.05
N VAL B 202 -12.15 -33.39 7.39
CA VAL B 202 -11.29 -32.98 6.28
C VAL B 202 -9.88 -32.70 6.77
N PHE B 203 -9.75 -32.15 7.97
CA PHE B 203 -8.45 -31.82 8.55
C PHE B 203 -7.98 -32.92 9.50
N ASP B 204 -7.98 -34.17 9.05
CA ASP B 204 -7.53 -35.27 9.87
C ASP B 204 -6.10 -35.69 9.57
N ILE B 205 -5.52 -35.21 8.47
CA ILE B 205 -4.11 -35.46 8.16
C ILE B 205 -3.19 -34.49 8.88
N PHE B 206 -3.75 -33.49 9.56
CA PHE B 206 -2.97 -32.50 10.28
C PHE B 206 -3.01 -32.76 11.77
N ASP B 207 -1.94 -32.34 12.46
CA ASP B 207 -1.87 -32.44 13.90
C ASP B 207 -2.53 -31.28 14.63
N TYR B 208 -2.77 -30.18 13.92
CA TYR B 208 -3.39 -28.99 14.49
C TYR B 208 -3.82 -28.09 13.34
N VAL B 209 -4.92 -27.36 13.55
CA VAL B 209 -5.46 -26.46 12.55
C VAL B 209 -5.69 -25.10 13.19
N MET B 210 -4.92 -24.10 12.77
CA MET B 210 -5.09 -22.73 13.22
C MET B 210 -5.96 -22.00 12.21
N LEU B 211 -7.08 -21.45 12.67
CA LEU B 211 -8.10 -20.94 11.77
C LEU B 211 -8.40 -19.47 12.06
N GLY B 212 -9.17 -18.89 11.15
CA GLY B 212 -9.72 -17.56 11.32
C GLY B 212 -10.96 -17.47 10.47
N HIS B 213 -11.78 -16.44 10.76
CA HIS B 213 -13.03 -16.04 10.11
C HIS B 213 -14.14 -15.92 11.14
N LEU B 214 -14.20 -16.88 12.07
CA LEU B 214 -15.18 -16.84 13.16
C LEU B 214 -14.59 -16.05 14.32
N HIS B 215 -15.27 -14.95 14.69
CA HIS B 215 -14.69 -13.97 15.60
C HIS B 215 -14.82 -14.34 17.07
N HIS B 216 -15.66 -15.32 17.41
CA HIS B 216 -15.70 -15.84 18.78
C HIS B 216 -14.49 -16.73 19.03
N PRO B 217 -13.70 -16.45 20.08
CA PRO B 217 -12.56 -17.34 20.38
C PRO B 217 -12.95 -18.79 20.58
N PHE B 218 -14.16 -19.05 21.07
CA PHE B 218 -14.61 -20.40 21.34
C PHE B 218 -15.74 -20.82 20.39
N SER B 219 -15.63 -20.41 19.12
CA SER B 219 -16.60 -20.84 18.12
C SER B 219 -16.63 -22.35 18.02
N ILE B 220 -15.46 -22.98 17.96
CA ILE B 220 -15.31 -24.41 17.86
C ILE B 220 -14.59 -24.90 19.10
N GLU B 221 -15.21 -25.84 19.83
CA GLU B 221 -14.59 -26.49 20.96
C GLU B 221 -14.13 -27.87 20.48
N ASP B 222 -12.84 -27.97 20.17
CA ASP B 222 -12.24 -29.21 19.67
C ASP B 222 -10.75 -29.15 19.95
N ASP B 223 -10.17 -30.32 20.24
CA ASP B 223 -8.77 -30.38 20.62
C ASP B 223 -7.86 -29.90 19.50
N LYS B 224 -8.13 -30.34 18.27
CA LYS B 224 -7.19 -30.14 17.15
C LYS B 224 -7.45 -28.85 16.38
N ILE B 225 -8.71 -28.47 16.20
CA ILE B 225 -9.08 -27.27 15.46
C ILE B 225 -9.52 -26.21 16.44
N LYS B 226 -8.87 -25.06 16.40
CA LYS B 226 -9.18 -23.97 17.32
C LYS B 226 -9.22 -22.66 16.56
N TYR B 227 -9.93 -21.69 17.13
CA TYR B 227 -10.12 -20.37 16.54
C TYR B 227 -9.49 -19.32 17.45
N SER B 228 -8.72 -18.41 16.85
CA SER B 228 -8.14 -17.32 17.65
C SER B 228 -9.22 -16.36 18.10
N GLY B 229 -10.17 -16.05 17.23
CA GLY B 229 -11.14 -15.01 17.51
C GLY B 229 -10.63 -13.64 17.14
N SER B 230 -11.56 -12.70 17.00
CA SER B 230 -11.20 -11.36 16.59
C SER B 230 -10.45 -10.64 17.71
N LEU B 231 -9.71 -9.60 17.31
CA LEU B 231 -8.94 -8.83 18.28
C LEU B 231 -9.87 -8.11 19.27
N LEU B 232 -10.91 -7.48 18.74
CA LEU B 232 -11.87 -6.73 19.55
C LEU B 232 -13.27 -7.19 19.23
N GLN B 233 -14.22 -6.77 20.06
CA GLN B 233 -15.63 -6.95 19.74
C GLN B 233 -15.99 -6.01 18.60
N TYR B 234 -16.30 -6.57 17.43
CA TYR B 234 -16.61 -5.77 16.25
C TYR B 234 -18.11 -5.70 15.98
N SER B 235 -18.93 -6.04 16.96
CA SER B 235 -20.38 -5.91 16.85
C SER B 235 -20.99 -6.04 18.24
N PHE B 236 -22.14 -5.41 18.42
CA PHE B 236 -22.86 -5.54 19.67
C PHE B 236 -23.39 -6.95 19.89
N SER B 237 -23.38 -7.80 18.86
CA SER B 237 -23.61 -9.22 19.08
C SER B 237 -22.49 -9.85 19.91
N GLU B 238 -21.28 -9.31 19.82
CA GLU B 238 -20.14 -9.82 20.58
C GLU B 238 -19.95 -9.12 21.91
N ALA B 239 -20.97 -8.43 22.40
CA ALA B 239 -20.84 -7.69 23.65
C ALA B 239 -20.57 -8.63 24.81
N GLY B 240 -19.62 -8.25 25.67
CA GLY B 240 -19.26 -9.06 26.81
C GLY B 240 -18.43 -10.28 26.48
N GLN B 241 -17.93 -10.40 25.26
CA GLN B 241 -17.11 -11.53 24.86
C GLN B 241 -15.63 -11.20 25.07
N ALA B 242 -14.92 -12.13 25.70
CA ALA B 242 -13.47 -11.98 25.84
C ALA B 242 -12.80 -12.17 24.48
N LYS B 243 -11.79 -11.34 24.21
CA LYS B 243 -11.05 -11.39 22.96
C LYS B 243 -9.56 -11.35 23.25
N GLY B 244 -8.78 -11.89 22.30
CA GLY B 244 -7.34 -11.89 22.44
C GLY B 244 -6.62 -12.78 21.44
N TYR B 245 -5.76 -13.66 21.93
CA TYR B 245 -5.00 -14.56 21.09
C TYR B 245 -4.84 -15.90 21.79
N ARG B 246 -4.54 -16.93 21.00
CA ARG B 246 -4.27 -18.26 21.53
C ARG B 246 -2.77 -18.51 21.55
N ARG B 247 -2.32 -19.22 22.57
CA ARG B 247 -0.91 -19.59 22.71
C ARG B 247 -0.78 -21.10 22.58
N LEU B 248 0.13 -21.54 21.71
CA LEU B 248 0.31 -22.95 21.39
C LEU B 248 1.73 -23.38 21.73
N THR B 249 1.87 -24.27 22.70
CA THR B 249 3.17 -24.75 23.16
C THR B 249 3.34 -26.21 22.77
N ILE B 250 4.52 -26.54 22.23
CA ILE B 250 4.81 -27.89 21.77
C ILE B 250 6.11 -28.35 22.43
N ASN B 251 6.15 -29.63 22.81
CA ASN B 251 7.35 -30.22 23.40
C ASN B 251 7.38 -31.70 23.02
N ASP B 252 8.20 -32.03 22.02
CA ASP B 252 8.33 -33.38 21.48
C ASP B 252 6.97 -34.00 21.16
N GLY B 253 6.23 -33.28 20.30
CA GLY B 253 5.05 -33.82 19.67
C GLY B 253 3.75 -33.68 20.43
N ILE B 254 3.79 -33.18 21.66
CA ILE B 254 2.58 -33.02 22.46
C ILE B 254 2.20 -31.55 22.45
N ILE B 255 1.01 -31.25 21.93
CA ILE B 255 0.57 -29.89 21.68
C ILE B 255 -0.36 -29.45 22.80
N ASN B 256 -0.12 -28.26 23.34
CA ASN B 256 -0.94 -27.69 24.40
C ASN B 256 -1.36 -26.28 24.02
N ASP B 257 -2.63 -25.98 24.26
CA ASP B 257 -3.25 -24.74 23.79
C ASP B 257 -3.85 -23.97 24.95
N VAL B 258 -3.69 -22.65 24.92
CA VAL B 258 -4.28 -21.74 25.89
C VAL B 258 -4.90 -20.57 25.13
N PHE B 259 -5.89 -19.93 25.75
CA PHE B 259 -6.43 -18.67 25.29
C PHE B 259 -6.02 -17.59 26.27
N ILE B 260 -5.43 -16.51 25.77
CA ILE B 260 -4.97 -15.40 26.58
C ILE B 260 -5.74 -14.16 26.14
N PRO B 261 -6.42 -13.46 27.05
CA PRO B 261 -7.29 -12.35 26.62
C PRO B 261 -6.65 -10.98 26.74
N LEU B 262 -6.89 -10.13 25.75
CA LEU B 262 -6.46 -8.74 25.79
C LEU B 262 -7.63 -7.88 26.27
N LYS B 263 -7.38 -7.06 27.28
CA LYS B 263 -8.41 -6.15 27.78
C LYS B 263 -8.43 -4.88 26.95
N PRO B 264 -9.55 -4.52 26.32
CA PRO B 264 -9.55 -3.36 25.43
C PRO B 264 -9.64 -2.04 26.19
N LEU B 265 -9.33 -0.97 25.48
CA LEU B 265 -9.54 0.36 26.02
C LEU B 265 -11.02 0.64 26.24
N ARG B 266 -11.87 0.11 25.36
CA ARG B 266 -13.30 0.28 25.46
C ARG B 266 -13.99 -1.05 25.20
N GLN B 267 -15.16 -1.22 25.79
CA GLN B 267 -15.99 -2.40 25.57
C GLN B 267 -17.30 -1.98 24.92
N LEU B 268 -18.02 -2.97 24.42
CA LEU B 268 -19.34 -2.76 23.85
C LEU B 268 -20.36 -3.33 24.83
N GLU B 269 -21.23 -2.46 25.36
CA GLU B 269 -22.27 -2.87 26.29
C GLU B 269 -23.64 -2.50 25.73
N ILE B 270 -24.63 -3.33 26.05
CA ILE B 270 -26.03 -3.07 25.73
C ILE B 270 -26.75 -2.82 27.03
N ILE B 271 -27.14 -1.58 27.28
CA ILE B 271 -27.68 -1.14 28.57
C ILE B 271 -29.17 -0.90 28.43
N SER B 272 -29.94 -1.42 29.38
CA SER B 272 -31.38 -1.23 29.43
C SER B 272 -31.76 -0.43 30.66
N GLY B 273 -32.92 0.19 30.61
CA GLY B 273 -33.41 0.96 31.74
C GLY B 273 -34.25 2.14 31.27
N GLU B 274 -34.36 3.14 32.13
CA GLU B 274 -35.08 4.37 31.83
C GLU B 274 -34.08 5.50 31.62
N TYR B 275 -34.49 6.50 30.83
CA TYR B 275 -33.58 7.60 30.50
C TYR B 275 -33.11 8.32 31.76
N ASN B 276 -34.00 8.49 32.74
CA ASN B 276 -33.67 9.30 33.91
C ASN B 276 -32.59 8.63 34.75
N ASP B 277 -32.81 7.38 35.14
CA ASP B 277 -31.81 6.67 35.94
C ASP B 277 -30.47 6.60 35.22
N VAL B 278 -30.50 6.42 33.90
CA VAL B 278 -29.26 6.28 33.14
C VAL B 278 -28.49 7.59 33.11
N ILE B 279 -29.19 8.70 32.85
CA ILE B 279 -28.48 9.96 32.75
C ILE B 279 -28.08 10.52 34.12
N ASN B 280 -28.65 10.00 35.21
CA ASN B 280 -28.18 10.32 36.56
C ASN B 280 -27.23 9.27 37.10
N GLU B 281 -26.68 8.41 36.24
CA GLU B 281 -25.57 7.51 36.57
C GLU B 281 -25.92 6.52 37.68
N LYS B 282 -27.18 6.08 37.73
CA LYS B 282 -27.59 5.08 38.73
C LYS B 282 -27.95 3.75 38.09
N VAL B 283 -27.69 3.59 36.80
CA VAL B 283 -27.66 2.29 36.14
C VAL B 283 -26.21 1.86 36.05
N HIS B 284 -25.91 0.60 36.38
CA HIS B 284 -24.51 0.20 36.45
C HIS B 284 -23.89 0.17 35.07
N VAL B 285 -22.91 1.04 34.86
CA VAL B 285 -22.09 1.07 33.65
C VAL B 285 -20.67 0.71 34.05
N LYS B 286 -20.08 -0.25 33.32
CA LYS B 286 -18.71 -0.62 33.64
C LYS B 286 -17.78 0.58 33.52
N ASN B 287 -17.66 1.12 32.30
CA ASN B 287 -16.89 2.32 32.04
C ASN B 287 -17.76 3.29 31.24
N LYS B 288 -17.81 4.55 31.66
CA LYS B 288 -18.55 5.55 30.91
C LYS B 288 -17.97 5.77 29.53
N ASP B 289 -16.68 5.48 29.34
CA ASP B 289 -16.01 5.68 28.07
C ASP B 289 -16.37 4.62 27.03
N ASN B 290 -17.03 3.54 27.44
CA ASN B 290 -17.25 2.41 26.54
C ASN B 290 -18.26 2.75 25.44
N TYR B 291 -18.21 1.95 24.37
CA TYR B 291 -19.17 2.06 23.28
C TYR B 291 -20.48 1.42 23.69
N LEU B 292 -21.56 2.21 23.71
CA LEU B 292 -22.81 1.80 24.33
C LEU B 292 -23.97 1.86 23.36
N HIS B 293 -24.86 0.87 23.49
CA HIS B 293 -26.15 0.84 22.83
C HIS B 293 -27.22 0.81 23.91
N PHE B 294 -28.04 1.86 23.96
CA PHE B 294 -29.02 2.05 25.03
C PHE B 294 -30.42 1.67 24.54
N LYS B 295 -31.10 0.82 25.32
CA LYS B 295 -32.50 0.49 25.14
C LYS B 295 -33.24 1.06 26.35
N LEU B 296 -33.66 2.31 26.24
CA LEU B 296 -34.22 3.08 27.34
C LEU B 296 -35.74 3.22 27.18
N LYS B 297 -36.39 3.70 28.26
CA LYS B 297 -37.85 3.90 28.29
C LYS B 297 -38.23 5.17 29.05
N ASN B 298 -38.05 6.33 28.39
CA ASN B 298 -38.61 7.62 28.82
C ASN B 298 -38.91 8.39 27.53
N MET B 299 -40.03 8.06 26.90
CA MET B 299 -40.37 8.50 25.55
C MET B 299 -41.29 9.70 25.61
N SER B 300 -40.73 10.81 26.08
CA SER B 300 -41.57 11.98 26.35
C SER B 300 -40.81 13.30 26.36
N HIS B 301 -40.07 13.55 27.43
CA HIS B 301 -39.75 14.91 27.85
C HIS B 301 -38.41 15.42 27.34
N ILE B 302 -37.61 14.60 26.66
CA ILE B 302 -36.25 14.97 26.31
C ILE B 302 -36.19 15.48 24.88
N THR B 303 -35.52 16.61 24.69
CA THR B 303 -35.31 17.28 23.41
C THR B 303 -34.54 16.43 22.41
N ASP B 304 -33.23 16.32 22.63
CA ASP B 304 -32.35 15.42 21.89
C ASP B 304 -31.81 14.41 22.88
N PRO B 305 -32.38 13.20 22.97
CA PRO B 305 -31.94 12.27 24.02
C PRO B 305 -30.55 11.74 23.79
N MET B 306 -30.08 11.67 22.54
CA MET B 306 -28.74 11.15 22.28
C MET B 306 -27.66 12.15 22.68
N MET B 307 -27.87 13.43 22.38
CA MET B 307 -26.88 14.45 22.71
C MET B 307 -26.72 14.62 24.21
N SER B 308 -27.85 14.62 24.92
CA SER B 308 -27.83 14.61 26.37
C SER B 308 -27.09 13.39 26.91
N LEU B 309 -27.31 12.23 26.29
CA LEU B 309 -26.59 11.02 26.69
C LEU B 309 -25.10 11.14 26.40
N LYS B 310 -24.75 11.66 25.23
CA LYS B 310 -23.34 11.82 24.85
C LYS B 310 -22.62 12.81 25.77
N GLN B 311 -23.36 13.67 26.47
CA GLN B 311 -22.73 14.59 27.41
C GLN B 311 -22.02 13.84 28.52
N ILE B 312 -22.60 12.73 28.98
CA ILE B 312 -22.08 12.03 30.15
C ILE B 312 -21.43 10.72 29.73
N TYR B 313 -21.93 10.11 28.65
CA TYR B 313 -21.28 8.93 28.06
C TYR B 313 -20.77 9.31 26.68
N PRO B 314 -19.50 9.65 26.53
CA PRO B 314 -19.04 10.25 25.26
C PRO B 314 -19.16 9.31 24.07
N ASN B 315 -18.87 8.03 24.23
CA ASN B 315 -18.79 7.09 23.11
C ASN B 315 -20.08 6.30 22.91
N THR B 316 -21.23 6.94 23.09
CA THR B 316 -22.50 6.29 22.79
C THR B 316 -22.66 6.12 21.29
N LEU B 317 -23.21 4.98 20.88
CA LEU B 317 -23.27 4.64 19.47
C LEU B 317 -24.67 4.46 18.94
N ALA B 318 -25.60 3.92 19.73
CA ALA B 318 -26.93 3.65 19.22
C ALA B 318 -27.94 3.83 20.34
N LEU B 319 -29.14 4.30 19.98
CA LEU B 319 -30.22 4.50 20.94
C LEU B 319 -31.49 3.83 20.44
N THR B 320 -32.11 3.04 21.31
CA THR B 320 -33.37 2.37 21.05
C THR B 320 -34.34 2.71 22.18
N ASN B 321 -35.58 3.03 21.83
CA ASN B 321 -36.61 3.37 22.81
C ASN B 321 -37.74 2.36 22.73
N GLU B 322 -38.38 2.12 23.88
CA GLU B 322 -39.39 1.08 24.01
C GLU B 322 -40.78 1.65 24.24
#